data_1M6P
#
_entry.id   1M6P
#
_cell.length_a   92.641
_cell.length_b   92.641
_cell.length_c   85.316
_cell.angle_alpha   90.00
_cell.angle_beta   90.00
_cell.angle_gamma   90.00
#
_symmetry.space_group_name_H-M   'P 43 21 2'
#
loop_
_entity.id
_entity.type
_entity.pdbx_description
1 polymer 'CATION-DEPENDENT MANNOSE-6-PHOSPHATE RECEPTOR'
2 non-polymer 'MANGANESE (II) ION'
3 non-polymer 6-O-phosphono-alpha-D-mannopyranose
4 water water
#
_entity_poly.entity_id   1
_entity_poly.type   'polypeptide(L)'
_entity_poly.pdbx_seq_one_letter_code
;EKTCDLVGEKGKESEKELALLKRLTPLFQKSFESTVGQSPDMYSYVFRVCREAGQHSSGAGLVQIQKSNGKETVVGRFNE
TQIFQGSNWIMLIYKGGDEYDNHCGREQRRAVVMISCNRHTLADNFNPVSEERGKVQDCFYLFEMDSSLACS
;
_entity_poly.pdbx_strand_id   A,B
#
loop_
_chem_comp.id
_chem_comp.type
_chem_comp.name
_chem_comp.formula
M6P D-saccharide, alpha linking 6-O-phosphono-alpha-D-mannopyranose 'C6 H13 O9 P'
MN non-polymer 'MANGANESE (II) ION' 'Mn 2'
#
# COMPACT_ATOMS: atom_id res chain seq x y z
N GLU A 1 19.05 2.24 -20.59
CA GLU A 1 19.26 1.64 -19.24
C GLU A 1 17.98 0.97 -18.78
N LYS A 2 18.05 -0.35 -18.62
CA LYS A 2 16.92 -1.14 -18.18
C LYS A 2 16.70 -0.97 -16.68
N THR A 3 15.48 -0.56 -16.30
CA THR A 3 15.16 -0.39 -14.88
C THR A 3 13.70 -0.67 -14.61
N CYS A 4 13.23 -0.10 -13.50
CA CYS A 4 11.84 -0.23 -13.10
C CYS A 4 11.03 0.65 -14.02
N ASP A 5 9.87 0.17 -14.45
CA ASP A 5 9.00 0.96 -15.30
C ASP A 5 7.82 1.39 -14.45
N LEU A 6 7.52 2.67 -14.52
CA LEU A 6 6.43 3.25 -13.76
C LEU A 6 5.21 3.41 -14.65
N VAL A 7 4.08 3.71 -14.04
CA VAL A 7 2.85 3.91 -14.82
C VAL A 7 3.00 5.21 -15.62
N GLY A 8 2.63 5.14 -16.90
CA GLY A 8 2.74 6.30 -17.77
C GLY A 8 3.78 6.10 -18.86
N GLU A 9 3.70 6.93 -19.90
CA GLU A 9 4.64 6.86 -21.02
C GLU A 9 6.01 7.32 -20.58
N LYS A 10 7.05 6.71 -21.13
CA LYS A 10 8.43 7.05 -20.82
C LYS A 10 8.66 8.55 -20.78
N GLY A 11 9.24 9.00 -19.68
CA GLY A 11 9.52 10.43 -19.51
C GLY A 11 8.39 11.23 -18.87
N LYS A 12 7.16 10.74 -18.97
CA LYS A 12 6.02 11.46 -18.40
C LYS A 12 5.42 10.76 -17.18
N GLU A 13 6.28 10.18 -16.35
CA GLU A 13 5.85 9.49 -15.15
C GLU A 13 5.92 10.43 -13.96
N SER A 14 5.32 10.01 -12.84
CA SER A 14 5.33 10.81 -11.63
C SER A 14 6.77 11.16 -11.24
N GLU A 15 7.01 12.43 -10.95
CA GLU A 15 8.35 12.84 -10.56
C GLU A 15 8.62 12.35 -9.13
N LYS A 16 7.56 12.11 -8.36
CA LYS A 16 7.71 11.62 -7.01
C LYS A 16 8.30 10.21 -7.05
N GLU A 17 7.81 9.38 -7.97
CA GLU A 17 8.31 8.02 -8.11
C GLU A 17 9.71 7.98 -8.72
N LEU A 18 9.96 8.85 -9.69
CA LEU A 18 11.26 8.93 -10.35
C LEU A 18 12.33 9.26 -9.31
N ALA A 19 12.05 10.25 -8.46
CA ALA A 19 12.98 10.65 -7.41
C ALA A 19 13.27 9.50 -6.44
N LEU A 20 12.27 8.64 -6.21
CA LEU A 20 12.44 7.50 -5.31
C LEU A 20 13.36 6.45 -5.90
N LEU A 21 13.16 6.11 -7.17
CA LEU A 21 14.01 5.14 -7.84
C LEU A 21 15.45 5.64 -7.76
N LYS A 22 15.65 6.94 -7.99
CA LYS A 22 16.97 7.54 -7.90
C LYS A 22 17.58 7.27 -6.54
N ARG A 23 16.83 7.59 -5.48
CA ARG A 23 17.30 7.39 -4.13
C ARG A 23 17.67 5.93 -3.86
N LEU A 24 16.95 5.01 -4.50
CA LEU A 24 17.22 3.59 -4.30
C LEU A 24 18.32 3.00 -5.17
N THR A 25 18.94 3.82 -6.01
CA THR A 25 20.01 3.36 -6.90
C THR A 25 21.08 2.45 -6.29
N PRO A 26 21.60 2.79 -5.10
CA PRO A 26 22.62 1.92 -4.51
C PRO A 26 22.18 0.47 -4.18
N LEU A 27 20.87 0.22 -4.23
CA LEU A 27 20.34 -1.13 -3.96
C LEU A 27 20.28 -1.98 -5.20
N PHE A 28 20.26 -1.34 -6.36
CA PHE A 28 20.17 -2.03 -7.67
C PHE A 28 21.13 -3.23 -7.82
N GLN A 29 22.37 -3.04 -7.40
CA GLN A 29 23.40 -4.06 -7.51
C GLN A 29 23.32 -5.18 -6.47
N LYS A 30 22.46 -5.00 -5.47
CA LYS A 30 22.33 -6.01 -4.44
C LYS A 30 21.28 -7.07 -4.76
N SER A 31 21.31 -8.16 -3.99
CA SER A 31 20.38 -9.26 -4.14
C SER A 31 19.94 -9.61 -2.72
N PHE A 32 18.65 -9.74 -2.53
CA PHE A 32 18.10 -10.04 -1.21
C PHE A 32 17.41 -11.38 -1.21
N GLU A 33 17.61 -12.15 -0.13
CA GLU A 33 17.03 -13.47 -0.05
C GLU A 33 16.48 -13.76 1.34
N SER A 34 15.32 -14.40 1.38
CA SER A 34 14.67 -14.74 2.64
C SER A 34 15.54 -15.74 3.42
N THR A 35 15.44 -15.69 4.74
CA THR A 35 16.21 -16.59 5.60
C THR A 35 15.24 -17.64 6.15
N MET A 42 8.59 -23.99 2.98
CA MET A 42 8.58 -24.67 1.68
C MET A 42 9.20 -23.84 0.56
N TYR A 43 9.23 -22.52 0.72
CA TYR A 43 9.74 -21.64 -0.32
C TYR A 43 10.86 -20.72 0.12
N SER A 44 11.59 -20.24 -0.87
CA SER A 44 12.71 -19.33 -0.71
C SER A 44 12.32 -18.14 -1.57
N TYR A 45 12.66 -16.93 -1.14
CA TYR A 45 12.31 -15.74 -1.90
C TYR A 45 13.53 -14.89 -2.22
N VAL A 46 13.61 -14.42 -3.46
CA VAL A 46 14.71 -13.58 -3.91
C VAL A 46 14.11 -12.28 -4.43
N PHE A 47 14.63 -11.16 -3.94
CA PHE A 47 14.14 -9.84 -4.31
C PHE A 47 15.26 -8.94 -4.81
N ARG A 48 14.98 -8.20 -5.87
CA ARG A 48 15.95 -7.27 -6.45
C ARG A 48 15.22 -6.00 -6.84
N VAL A 49 15.91 -4.87 -6.70
CA VAL A 49 15.34 -3.57 -7.01
C VAL A 49 15.67 -3.17 -8.44
N CYS A 50 14.64 -3.16 -9.28
CA CYS A 50 14.77 -2.78 -10.69
C CYS A 50 15.75 -3.64 -11.48
N ARG A 51 15.93 -4.87 -11.05
CA ARG A 51 16.86 -5.79 -11.69
C ARG A 51 16.29 -7.22 -11.63
N GLU A 52 16.69 -8.05 -12.59
CA GLU A 52 16.22 -9.43 -12.68
C GLU A 52 16.57 -10.30 -11.48
N ALA A 53 15.56 -10.77 -10.77
CA ALA A 53 15.76 -11.63 -9.60
C ALA A 53 15.76 -13.11 -9.96
N GLY A 54 15.22 -13.46 -11.12
CA GLY A 54 15.14 -14.85 -11.52
C GLY A 54 16.24 -15.37 -12.44
N GLN A 55 16.16 -16.65 -12.76
CA GLN A 55 17.15 -17.28 -13.62
C GLN A 55 16.58 -17.73 -14.95
N HIS A 56 15.41 -17.21 -15.33
CA HIS A 56 14.80 -17.60 -16.59
C HIS A 56 14.45 -16.44 -17.53
N SER A 57 15.16 -15.31 -17.36
CA SER A 57 14.95 -14.12 -18.19
C SER A 57 13.48 -13.69 -18.30
N SER A 58 12.71 -13.82 -17.23
CA SER A 58 11.30 -13.46 -17.24
C SER A 58 10.97 -12.02 -16.82
N GLY A 59 11.98 -11.24 -16.45
CA GLY A 59 11.75 -9.88 -16.01
C GLY A 59 11.19 -9.81 -14.59
N ALA A 60 11.53 -10.79 -13.77
CA ALA A 60 11.02 -10.83 -12.40
C ALA A 60 11.78 -9.91 -11.47
N GLY A 61 11.05 -9.26 -10.57
CA GLY A 61 11.66 -8.38 -9.58
C GLY A 61 11.71 -9.14 -8.26
N LEU A 62 10.85 -10.15 -8.14
CA LEU A 62 10.79 -10.97 -6.93
C LEU A 62 10.28 -12.35 -7.33
N VAL A 63 11.03 -13.38 -6.98
CA VAL A 63 10.63 -14.75 -7.29
C VAL A 63 10.48 -15.58 -6.03
N GLN A 64 9.67 -16.63 -6.16
CA GLN A 64 9.43 -17.58 -5.09
C GLN A 64 9.93 -18.93 -5.59
N ILE A 65 10.93 -19.48 -4.92
CA ILE A 65 11.47 -20.76 -5.34
C ILE A 65 11.01 -21.90 -4.45
N GLN A 66 10.35 -22.88 -5.05
CA GLN A 66 9.91 -24.05 -4.30
C GLN A 66 11.14 -24.91 -4.19
N LYS A 67 11.67 -25.03 -2.99
CA LYS A 67 12.89 -25.76 -2.75
C LYS A 67 12.97 -27.23 -3.17
N SER A 68 11.90 -27.99 -2.96
CA SER A 68 11.91 -29.40 -3.31
C SER A 68 12.09 -29.70 -4.80
N ASN A 69 11.55 -28.85 -5.67
CA ASN A 69 11.66 -29.09 -7.09
C ASN A 69 12.29 -28.00 -7.95
N GLY A 70 12.73 -26.91 -7.32
CA GLY A 70 13.36 -25.82 -8.04
C GLY A 70 12.49 -24.92 -8.89
N LYS A 71 11.17 -25.07 -8.77
CA LYS A 71 10.23 -24.25 -9.53
C LYS A 71 10.34 -22.79 -9.14
N GLU A 72 10.56 -21.96 -10.14
CA GLU A 72 10.66 -20.53 -9.92
C GLU A 72 9.34 -19.89 -10.36
N THR A 73 8.64 -19.26 -9.42
CA THR A 73 7.38 -18.58 -9.67
C THR A 73 7.60 -17.07 -9.55
N VAL A 74 7.20 -16.32 -10.58
CA VAL A 74 7.38 -14.87 -10.56
C VAL A 74 6.27 -14.25 -9.73
N VAL A 75 6.65 -13.61 -8.63
CA VAL A 75 5.70 -12.99 -7.73
C VAL A 75 5.40 -11.56 -8.20
N GLY A 76 6.39 -10.92 -8.81
CA GLY A 76 6.21 -9.56 -9.31
C GLY A 76 7.25 -9.20 -10.34
N ARG A 77 6.88 -8.35 -11.30
CA ARG A 77 7.81 -7.95 -12.35
C ARG A 77 8.16 -6.48 -12.25
N PHE A 78 9.43 -6.16 -12.44
CA PHE A 78 9.86 -4.77 -12.33
C PHE A 78 9.39 -3.85 -13.45
N ASN A 79 8.74 -4.40 -14.47
CA ASN A 79 8.23 -3.55 -15.54
C ASN A 79 6.90 -2.91 -15.12
N GLU A 80 6.37 -3.32 -13.96
CA GLU A 80 5.12 -2.78 -13.42
C GLU A 80 5.38 -2.36 -11.97
N THR A 81 6.16 -1.31 -11.81
CA THR A 81 6.55 -0.79 -10.50
C THR A 81 5.78 0.44 -10.00
N GLN A 82 5.48 0.44 -8.71
CA GLN A 82 4.84 1.56 -8.05
C GLN A 82 5.65 1.75 -6.78
N ILE A 83 5.97 2.98 -6.45
CA ILE A 83 6.77 3.25 -5.25
C ILE A 83 6.43 4.60 -4.64
N PHE A 84 6.25 4.61 -3.32
CA PHE A 84 5.93 5.82 -2.58
C PHE A 84 6.52 5.74 -1.18
N GLN A 85 6.62 6.87 -0.50
CA GLN A 85 7.20 6.88 0.84
C GLN A 85 6.36 7.67 1.83
N GLY A 86 6.71 7.52 3.10
CA GLY A 86 6.05 8.22 4.16
C GLY A 86 7.16 8.88 4.96
N SER A 87 6.92 9.10 6.24
CA SER A 87 7.92 9.74 7.09
C SER A 87 9.18 8.94 7.35
N ASN A 88 9.08 7.61 7.41
CA ASN A 88 10.25 6.78 7.69
C ASN A 88 10.09 5.39 7.07
N TRP A 89 9.43 5.34 5.92
CA TRP A 89 9.19 4.09 5.25
C TRP A 89 8.96 4.33 3.77
N ILE A 90 9.18 3.31 2.97
CA ILE A 90 8.97 3.35 1.52
C ILE A 90 8.27 2.07 1.12
N MET A 91 7.23 2.16 0.31
CA MET A 91 6.53 0.98 -0.15
C MET A 91 6.79 0.81 -1.63
N LEU A 92 7.26 -0.38 -1.99
CA LEU A 92 7.54 -0.74 -3.37
C LEU A 92 6.57 -1.86 -3.72
N ILE A 93 5.98 -1.78 -4.91
CA ILE A 93 5.02 -2.79 -5.36
C ILE A 93 5.36 -3.22 -6.78
N TYR A 94 5.40 -4.52 -6.99
CA TYR A 94 5.67 -5.09 -8.31
C TYR A 94 4.41 -5.82 -8.71
N LYS A 95 3.80 -5.45 -9.83
CA LYS A 95 2.61 -6.14 -10.29
C LYS A 95 3.03 -7.07 -11.43
N GLY A 96 2.05 -7.70 -12.07
CA GLY A 96 2.35 -8.58 -13.20
C GLY A 96 3.07 -9.88 -12.94
N GLY A 97 2.87 -10.49 -11.78
CA GLY A 97 3.51 -11.76 -11.49
C GLY A 97 2.76 -12.88 -12.18
N ASP A 98 3.18 -14.12 -11.97
CA ASP A 98 2.51 -15.27 -12.58
C ASP A 98 1.08 -15.36 -12.10
N GLU A 99 0.21 -15.82 -12.98
CA GLU A 99 -1.19 -15.94 -12.63
C GLU A 99 -1.52 -17.11 -11.74
N TYR A 100 -2.44 -16.88 -10.81
CA TYR A 100 -2.91 -17.91 -9.91
C TYR A 100 -3.77 -18.81 -10.79
N ASP A 101 -3.80 -20.09 -10.46
CA ASP A 101 -4.57 -21.04 -11.25
C ASP A 101 -5.92 -21.35 -10.63
N ASN A 102 -6.10 -20.94 -9.37
CA ASN A 102 -7.34 -21.23 -8.66
C ASN A 102 -7.72 -20.14 -7.68
N HIS A 103 -6.72 -19.52 -7.07
CA HIS A 103 -7.00 -18.47 -6.10
C HIS A 103 -7.18 -17.11 -6.77
N CYS A 104 -7.68 -16.16 -6.00
CA CYS A 104 -7.83 -14.77 -6.43
C CYS A 104 -8.36 -14.49 -7.84
N GLY A 105 -9.33 -15.27 -8.28
CA GLY A 105 -9.88 -15.07 -9.61
C GLY A 105 -8.84 -15.19 -10.71
N ARG A 106 -7.81 -15.99 -10.44
CA ARG A 106 -6.72 -16.23 -11.38
C ARG A 106 -6.01 -14.96 -11.84
N GLU A 107 -5.90 -13.98 -10.95
CA GLU A 107 -5.22 -12.74 -11.30
C GLU A 107 -3.71 -12.94 -11.17
N GLN A 108 -2.95 -11.97 -11.68
CA GLN A 108 -1.50 -12.04 -11.62
C GLN A 108 -1.03 -11.78 -10.21
N ARG A 109 -0.01 -12.51 -9.79
CA ARG A 109 0.56 -12.34 -8.45
C ARG A 109 1.09 -10.91 -8.31
N ARG A 110 1.28 -10.49 -7.07
CA ARG A 110 1.72 -9.14 -6.79
C ARG A 110 2.62 -9.17 -5.55
N ALA A 111 3.65 -8.34 -5.55
CA ALA A 111 4.59 -8.27 -4.44
C ALA A 111 4.53 -6.89 -3.83
N VAL A 112 4.32 -6.84 -2.51
CA VAL A 112 4.28 -5.57 -1.80
C VAL A 112 5.44 -5.64 -0.80
N VAL A 113 6.38 -4.70 -0.92
CA VAL A 113 7.54 -4.65 -0.03
C VAL A 113 7.54 -3.39 0.81
N MET A 114 7.53 -3.55 2.13
CA MET A 114 7.56 -2.40 3.03
C MET A 114 8.99 -2.22 3.52
N ILE A 115 9.60 -1.10 3.15
CA ILE A 115 10.96 -0.79 3.57
C ILE A 115 10.96 0.23 4.70
N SER A 116 11.38 -0.20 5.88
CA SER A 116 11.42 0.66 7.06
C SER A 116 12.79 1.27 7.31
N CYS A 117 12.81 2.45 7.92
CA CYS A 117 14.05 3.13 8.24
C CYS A 117 14.89 2.39 9.28
N ASN A 118 16.19 2.34 9.01
CA ASN A 118 17.14 1.70 9.91
C ASN A 118 18.49 2.35 9.60
N ARG A 119 18.91 3.25 10.47
CA ARG A 119 20.16 4.00 10.31
C ARG A 119 21.41 3.12 10.28
N HIS A 120 21.31 1.90 10.78
CA HIS A 120 22.47 1.01 10.86
C HIS A 120 22.79 0.15 9.64
N THR A 121 21.94 0.18 8.62
CA THR A 121 22.19 -0.63 7.43
C THR A 121 21.63 -0.02 6.15
N LEU A 122 22.35 -0.24 5.06
CA LEU A 122 21.92 0.26 3.75
C LEU A 122 20.68 -0.53 3.32
N ALA A 123 20.67 -1.81 3.66
CA ALA A 123 19.57 -2.72 3.34
C ALA A 123 19.83 -4.06 3.99
N ASP A 124 18.83 -4.60 4.69
CA ASP A 124 18.96 -5.89 5.35
C ASP A 124 17.65 -6.31 5.97
N ASN A 125 17.61 -7.55 6.44
CA ASN A 125 16.44 -8.13 7.11
C ASN A 125 15.23 -8.32 6.21
N PHE A 126 15.47 -8.65 4.93
CA PHE A 126 14.37 -8.89 4.00
C PHE A 126 13.77 -10.23 4.38
N ASN A 127 12.45 -10.26 4.58
CA ASN A 127 11.77 -11.49 4.93
C ASN A 127 10.29 -11.39 4.60
N PRO A 128 9.66 -12.53 4.25
CA PRO A 128 8.24 -12.60 3.91
C PRO A 128 7.42 -12.40 5.17
N VAL A 129 6.30 -11.71 5.03
CA VAL A 129 5.40 -11.49 6.14
C VAL A 129 4.22 -12.45 5.99
N SER A 130 3.57 -12.43 4.84
CA SER A 130 2.42 -13.29 4.59
C SER A 130 1.94 -13.22 3.14
N GLU A 131 1.05 -14.12 2.77
CA GLU A 131 0.47 -14.13 1.44
C GLU A 131 -1.03 -14.07 1.60
N GLU A 132 -1.64 -13.04 1.02
CA GLU A 132 -3.08 -12.91 1.04
C GLU A 132 -3.56 -13.49 -0.28
N ARG A 133 -4.16 -14.67 -0.24
CA ARG A 133 -4.67 -15.33 -1.44
C ARG A 133 -6.10 -15.81 -1.19
N GLY A 134 -6.75 -15.22 -0.20
CA GLY A 134 -8.10 -15.61 0.14
C GLY A 134 -9.18 -14.61 -0.25
N LYS A 135 -8.85 -13.70 -1.15
CA LYS A 135 -9.80 -12.69 -1.61
C LYS A 135 -10.16 -13.00 -3.04
N VAL A 136 -11.31 -12.49 -3.49
CA VAL A 136 -11.76 -12.70 -4.87
C VAL A 136 -10.90 -11.89 -5.83
N GLN A 137 -10.20 -10.89 -5.30
CA GLN A 137 -9.32 -10.05 -6.09
C GLN A 137 -8.44 -9.25 -5.13
N ASP A 138 -7.42 -8.62 -5.69
CA ASP A 138 -6.49 -7.80 -4.92
C ASP A 138 -5.67 -8.55 -3.89
N CYS A 139 -5.16 -9.70 -4.30
CA CYS A 139 -4.33 -10.51 -3.44
C CYS A 139 -2.92 -9.98 -3.55
N PHE A 140 -2.01 -10.44 -2.70
CA PHE A 140 -0.63 -9.98 -2.74
C PHE A 140 0.23 -10.74 -1.76
N TYR A 141 1.53 -10.65 -1.97
CA TYR A 141 2.52 -11.25 -1.08
C TYR A 141 3.11 -10.01 -0.40
N LEU A 142 3.26 -10.07 0.91
CA LEU A 142 3.80 -8.96 1.68
C LEU A 142 5.17 -9.33 2.23
N PHE A 143 6.12 -8.41 2.09
CA PHE A 143 7.48 -8.60 2.57
C PHE A 143 7.89 -7.32 3.29
N GLU A 144 8.94 -7.43 4.09
CA GLU A 144 9.48 -6.28 4.82
C GLU A 144 11.00 -6.32 4.74
N MET A 145 11.63 -5.16 4.83
CA MET A 145 13.07 -5.04 4.80
C MET A 145 13.45 -3.73 5.46
N ASP A 146 14.68 -3.65 5.96
CA ASP A 146 15.18 -2.45 6.61
C ASP A 146 16.19 -1.76 5.70
N SER A 147 16.22 -0.43 5.77
CA SER A 147 17.14 0.35 4.95
C SER A 147 17.25 1.81 5.39
N SER A 148 18.48 2.28 5.55
CA SER A 148 18.74 3.66 5.95
C SER A 148 18.19 4.63 4.90
N LEU A 149 18.05 4.14 3.66
CA LEU A 149 17.52 4.95 2.58
C LEU A 149 16.09 5.39 2.88
N ALA A 150 15.38 4.59 3.68
CA ALA A 150 13.99 4.88 4.02
C ALA A 150 13.85 5.89 5.18
N CYS A 151 14.98 6.39 5.66
CA CYS A 151 14.99 7.36 6.75
C CYS A 151 14.91 8.79 6.23
N SER A 152 14.39 9.69 7.05
CA SER A 152 14.27 11.09 6.67
C SER A 152 15.00 12.00 7.67
N GLU B 1 -24.02 0.10 12.71
CA GLU B 1 -24.74 -0.54 11.58
C GLU B 1 -23.94 -0.35 10.29
N LYS B 2 -23.73 0.90 9.90
CA LYS B 2 -22.96 1.21 8.71
C LYS B 2 -21.48 1.03 9.07
N THR B 3 -20.84 0.02 8.49
CA THR B 3 -19.44 -0.25 8.76
C THR B 3 -18.68 -0.51 7.46
N CYS B 4 -17.37 -0.71 7.59
CA CYS B 4 -16.50 -0.98 6.45
C CYS B 4 -16.90 -2.22 5.69
N ASP B 5 -16.98 -2.11 4.36
CA ASP B 5 -17.31 -3.24 3.50
C ASP B 5 -16.02 -3.65 2.81
N LEU B 6 -15.72 -4.94 2.85
CA LEU B 6 -14.51 -5.47 2.25
C LEU B 6 -14.83 -6.05 0.86
N VAL B 7 -13.81 -6.25 0.06
CA VAL B 7 -14.00 -6.80 -1.28
C VAL B 7 -14.47 -8.25 -1.15
N GLY B 8 -15.50 -8.60 -1.91
CA GLY B 8 -16.02 -9.95 -1.87
C GLY B 8 -17.41 -9.98 -1.28
N GLU B 9 -18.26 -10.85 -1.83
CA GLU B 9 -19.64 -10.99 -1.36
C GLU B 9 -19.61 -11.54 0.07
N LYS B 10 -20.77 -11.56 0.75
CA LYS B 10 -20.83 -12.05 2.12
C LYS B 10 -20.34 -13.50 2.18
N GLY B 11 -19.23 -13.69 2.89
CA GLY B 11 -18.66 -15.02 3.02
C GLY B 11 -17.42 -15.22 2.15
N LYS B 12 -17.26 -14.39 1.13
CA LYS B 12 -16.11 -14.49 0.24
C LYS B 12 -14.97 -13.60 0.73
N GLU B 13 -15.24 -12.79 1.74
CA GLU B 13 -14.24 -11.88 2.27
C GLU B 13 -13.08 -12.59 2.95
N SER B 14 -11.91 -11.96 2.86
CA SER B 14 -10.68 -12.47 3.46
C SER B 14 -10.82 -12.56 4.97
N GLU B 15 -10.45 -13.70 5.53
CA GLU B 15 -10.52 -13.90 6.97
C GLU B 15 -9.51 -12.98 7.67
N LYS B 16 -8.39 -12.70 7.00
CA LYS B 16 -7.37 -11.80 7.54
C LYS B 16 -7.92 -10.38 7.70
N GLU B 17 -8.62 -9.90 6.67
CA GLU B 17 -9.20 -8.55 6.71
C GLU B 17 -10.32 -8.46 7.73
N LEU B 18 -11.16 -9.51 7.78
CA LEU B 18 -12.25 -9.55 8.73
C LEU B 18 -11.71 -9.46 10.16
N ALA B 19 -10.66 -10.22 10.45
CA ALA B 19 -10.04 -10.21 11.77
C ALA B 19 -9.47 -8.83 12.12
N LEU B 20 -8.89 -8.14 11.15
CA LEU B 20 -8.34 -6.81 11.36
C LEU B 20 -9.42 -5.77 11.67
N LEU B 21 -10.53 -5.81 10.96
CA LEU B 21 -11.62 -4.87 11.20
C LEU B 21 -12.07 -4.96 12.64
N LYS B 22 -12.17 -6.20 13.12
CA LYS B 22 -12.59 -6.48 14.49
C LYS B 22 -11.60 -5.86 15.49
N ARG B 23 -10.32 -5.92 15.14
CA ARG B 23 -9.26 -5.36 15.97
C ARG B 23 -9.32 -3.84 16.03
N LEU B 24 -9.75 -3.21 14.93
CA LEU B 24 -9.84 -1.75 14.86
C LEU B 24 -11.09 -1.16 15.49
N THR B 25 -11.97 -2.00 16.00
CA THR B 25 -13.22 -1.57 16.64
C THR B 25 -13.13 -0.39 17.61
N PRO B 26 -12.12 -0.38 18.51
CA PRO B 26 -12.05 0.76 19.44
C PRO B 26 -11.86 2.11 18.78
N LEU B 27 -11.52 2.12 17.48
CA LEU B 27 -11.31 3.35 16.74
C LEU B 27 -12.58 3.89 16.09
N PHE B 28 -13.59 3.02 15.91
CA PHE B 28 -14.84 3.41 15.25
C PHE B 28 -15.50 4.65 15.85
N GLN B 29 -15.46 4.79 17.17
CA GLN B 29 -16.07 5.92 17.87
C GLN B 29 -15.29 7.25 17.76
N LYS B 30 -14.04 7.17 17.30
CA LYS B 30 -13.19 8.36 17.19
C LYS B 30 -13.30 9.14 15.88
N SER B 31 -12.76 10.35 15.89
CA SER B 31 -12.77 11.23 14.74
C SER B 31 -11.43 11.95 14.73
N PHE B 32 -10.84 12.11 13.56
CA PHE B 32 -9.55 12.76 13.42
C PHE B 32 -9.66 13.89 12.42
N GLU B 33 -9.02 15.02 12.73
CA GLU B 33 -9.05 16.19 11.85
C GLU B 33 -7.67 16.85 11.82
N SER B 34 -7.36 17.47 10.68
CA SER B 34 -6.09 18.16 10.51
C SER B 34 -6.24 19.17 9.37
N THR B 35 -5.83 20.41 9.62
CA THR B 35 -5.89 21.47 8.62
C THR B 35 -4.49 21.71 8.09
N MET B 42 -7.20 26.84 1.99
CA MET B 42 -6.50 25.72 2.64
C MET B 42 -7.47 24.56 2.85
N TYR B 43 -6.93 23.43 3.31
CA TYR B 43 -7.76 22.23 3.51
C TYR B 43 -7.84 21.68 4.93
N SER B 44 -8.98 21.09 5.24
CA SER B 44 -9.21 20.45 6.53
C SER B 44 -9.63 19.01 6.23
N TYR B 45 -8.82 18.06 6.67
CA TYR B 45 -9.13 16.65 6.44
C TYR B 45 -9.73 16.01 7.67
N VAL B 46 -10.87 15.34 7.50
CA VAL B 46 -11.55 14.66 8.58
C VAL B 46 -11.55 13.18 8.24
N PHE B 47 -11.12 12.36 9.20
CA PHE B 47 -11.03 10.93 8.99
C PHE B 47 -11.74 10.17 10.10
N ARG B 48 -12.38 9.07 9.73
CA ARG B 48 -13.08 8.20 10.68
C ARG B 48 -12.92 6.78 10.19
N VAL B 49 -12.90 5.84 11.12
CA VAL B 49 -12.75 4.43 10.78
C VAL B 49 -14.10 3.74 10.72
N CYS B 50 -14.50 3.37 9.50
CA CYS B 50 -15.75 2.68 9.24
C CYS B 50 -16.98 3.46 9.68
N ARG B 51 -16.86 4.78 9.71
CA ARG B 51 -17.95 5.64 10.13
C ARG B 51 -17.98 6.88 9.25
N GLU B 52 -19.18 7.43 9.08
CA GLU B 52 -19.41 8.61 8.26
C GLU B 52 -18.69 9.84 8.78
N ALA B 53 -17.67 10.26 8.05
CA ALA B 53 -16.90 11.44 8.42
C ALA B 53 -17.48 12.66 7.71
N GLY B 54 -18.26 12.41 6.65
CA GLY B 54 -18.85 13.48 5.87
C GLY B 54 -20.11 14.09 6.45
N GLN B 55 -20.46 15.27 5.95
CA GLN B 55 -21.64 15.98 6.41
C GLN B 55 -22.74 15.95 5.34
N HIS B 56 -22.66 14.98 4.42
CA HIS B 56 -23.65 14.86 3.36
C HIS B 56 -24.24 13.46 3.31
N SER B 57 -23.92 12.65 4.30
CA SER B 57 -24.42 11.28 4.39
C SER B 57 -24.03 10.46 3.15
N SER B 58 -22.88 10.77 2.56
CA SER B 58 -22.42 10.07 1.37
C SER B 58 -21.47 8.89 1.59
N GLY B 59 -21.53 8.29 2.76
CA GLY B 59 -20.66 7.15 3.06
C GLY B 59 -19.17 7.46 3.02
N ALA B 60 -18.82 8.72 3.24
CA ALA B 60 -17.43 9.14 3.22
C ALA B 60 -16.67 8.75 4.48
N GLY B 61 -15.51 8.11 4.30
CA GLY B 61 -14.67 7.72 5.43
C GLY B 61 -13.60 8.78 5.68
N LEU B 62 -13.31 9.58 4.66
CA LEU B 62 -12.32 10.64 4.77
C LEU B 62 -12.71 11.76 3.79
N VAL B 63 -13.00 12.94 4.32
CA VAL B 63 -13.38 14.06 3.48
C VAL B 63 -12.36 15.17 3.55
N GLN B 64 -12.36 16.00 2.51
CA GLN B 64 -11.47 17.13 2.41
C GLN B 64 -12.37 18.35 2.34
N ILE B 65 -12.30 19.20 3.36
CA ILE B 65 -13.13 20.39 3.40
C ILE B 65 -12.35 21.63 2.95
N GLN B 66 -12.91 22.32 1.96
CA GLN B 66 -12.34 23.53 1.40
C GLN B 66 -12.64 24.66 2.39
N LYS B 67 -11.63 25.08 3.15
CA LYS B 67 -11.79 26.12 4.16
C LYS B 67 -12.43 27.44 3.73
N SER B 68 -12.29 27.81 2.47
CA SER B 68 -12.86 29.05 1.98
C SER B 68 -14.39 29.07 1.96
N ASN B 69 -15.00 28.03 1.41
CA ASN B 69 -16.46 27.97 1.34
C ASN B 69 -17.06 26.72 1.98
N GLY B 70 -16.25 25.99 2.75
CA GLY B 70 -16.74 24.80 3.41
C GLY B 70 -17.20 23.70 2.46
N LYS B 71 -16.64 23.67 1.26
CA LYS B 71 -17.02 22.65 0.29
C LYS B 71 -16.32 21.35 0.60
N GLU B 72 -17.11 20.29 0.64
CA GLU B 72 -16.61 18.97 1.00
C GLU B 72 -16.44 17.99 -0.14
N THR B 73 -15.22 17.45 -0.26
CA THR B 73 -14.87 16.47 -1.29
C THR B 73 -14.56 15.14 -0.61
N VAL B 74 -15.26 14.09 -1.02
CA VAL B 74 -15.04 12.77 -0.46
C VAL B 74 -13.75 12.21 -1.06
N VAL B 75 -12.79 11.90 -0.19
CA VAL B 75 -11.50 11.36 -0.63
C VAL B 75 -11.54 9.83 -0.73
N GLY B 76 -12.41 9.21 0.08
CA GLY B 76 -12.55 7.78 0.06
C GLY B 76 -13.80 7.35 0.83
N ARG B 77 -14.46 6.31 0.35
CA ARG B 77 -15.65 5.79 1.01
C ARG B 77 -15.36 4.47 1.71
N PHE B 78 -15.90 4.30 2.92
CA PHE B 78 -15.65 3.10 3.70
C PHE B 78 -16.38 1.84 3.20
N ASN B 79 -17.17 1.97 2.14
CA ASN B 79 -17.85 0.81 1.57
C ASN B 79 -16.86 0.07 0.66
N GLU B 80 -15.68 0.67 0.46
CA GLU B 80 -14.63 0.10 -0.37
C GLU B 80 -13.35 0.17 0.43
N THR B 81 -13.29 -0.65 1.47
CA THR B 81 -12.15 -0.70 2.36
C THR B 81 -11.22 -1.88 2.15
N GLN B 82 -9.94 -1.62 2.33
CA GLN B 82 -8.90 -2.63 2.27
C GLN B 82 -7.98 -2.34 3.45
N ILE B 83 -7.62 -3.38 4.20
CA ILE B 83 -6.72 -3.23 5.35
C ILE B 83 -5.81 -4.45 5.45
N PHE B 84 -4.57 -4.20 5.85
CA PHE B 84 -3.57 -5.24 6.03
C PHE B 84 -2.48 -4.71 6.96
N GLN B 85 -1.76 -5.61 7.61
CA GLN B 85 -0.73 -5.17 8.52
C GLN B 85 0.59 -5.90 8.39
N GLY B 86 1.63 -5.26 8.91
CA GLY B 86 2.96 -5.83 8.90
C GLY B 86 3.35 -5.97 10.36
N SER B 87 4.63 -5.96 10.66
CA SER B 87 5.07 -6.13 12.04
C SER B 87 4.65 -5.04 13.02
N ASN B 88 4.76 -3.78 12.62
CA ASN B 88 4.42 -2.67 13.51
C ASN B 88 3.65 -1.57 12.79
N TRP B 89 2.80 -1.96 11.85
CA TRP B 89 2.01 -0.99 11.11
C TRP B 89 0.79 -1.65 10.50
N ILE B 90 -0.20 -0.83 10.19
CA ILE B 90 -1.45 -1.27 9.58
C ILE B 90 -1.73 -0.28 8.47
N MET B 91 -2.05 -0.76 7.27
CA MET B 91 -2.37 0.15 6.19
C MET B 91 -3.86 0.02 5.86
N LEU B 92 -4.56 1.15 5.90
CA LEU B 92 -5.99 1.21 5.62
C LEU B 92 -6.17 1.98 4.31
N ILE B 93 -7.00 1.46 3.41
CA ILE B 93 -7.24 2.12 2.14
C ILE B 93 -8.74 2.28 1.88
N TYR B 94 -9.15 3.51 1.62
CA TYR B 94 -10.54 3.83 1.31
C TYR B 94 -10.60 4.21 -0.16
N LYS B 95 -11.30 3.41 -0.96
CA LYS B 95 -11.44 3.73 -2.37
C LYS B 95 -12.81 4.35 -2.60
N GLY B 96 -13.13 4.60 -3.86
CA GLY B 96 -14.43 5.14 -4.19
C GLY B 96 -14.69 6.59 -3.83
N GLY B 97 -13.65 7.42 -3.85
CA GLY B 97 -13.83 8.82 -3.53
C GLY B 97 -14.37 9.58 -4.74
N ASP B 98 -14.55 10.89 -4.60
CA ASP B 98 -15.06 11.70 -5.69
C ASP B 98 -14.04 11.76 -6.82
N GLU B 99 -14.53 11.72 -8.05
CA GLU B 99 -13.67 11.73 -9.22
C GLU B 99 -12.95 13.04 -9.46
N TYR B 100 -11.73 12.92 -9.99
CA TYR B 100 -10.96 14.10 -10.35
C TYR B 100 -11.66 14.57 -11.62
N ASP B 101 -11.55 15.87 -11.91
CA ASP B 101 -12.19 16.41 -13.11
C ASP B 101 -11.19 16.49 -14.26
N ASN B 102 -9.91 16.60 -13.91
CA ASN B 102 -8.84 16.73 -14.89
C ASN B 102 -7.73 15.68 -14.72
N HIS B 103 -7.23 15.57 -13.51
CA HIS B 103 -6.14 14.65 -13.18
C HIS B 103 -6.51 13.17 -13.12
N CYS B 104 -5.48 12.33 -13.20
CA CYS B 104 -5.62 10.88 -13.09
C CYS B 104 -6.70 10.20 -13.92
N GLY B 105 -6.89 10.66 -15.15
CA GLY B 105 -7.92 10.06 -16.00
C GLY B 105 -9.30 10.15 -15.37
N ARG B 106 -9.50 11.16 -14.53
CA ARG B 106 -10.78 11.38 -13.87
C ARG B 106 -11.20 10.21 -12.99
N GLU B 107 -10.23 9.50 -12.43
CA GLU B 107 -10.55 8.37 -11.56
C GLU B 107 -10.99 8.85 -10.17
N GLN B 108 -11.74 8.00 -9.49
CA GLN B 108 -12.22 8.29 -8.15
C GLN B 108 -11.02 8.52 -7.24
N ARG B 109 -11.16 9.43 -6.28
CA ARG B 109 -10.08 9.70 -5.33
C ARG B 109 -9.93 8.49 -4.40
N ARG B 110 -8.84 8.47 -3.66
CA ARG B 110 -8.54 7.36 -2.77
C ARG B 110 -7.70 7.84 -1.59
N ALA B 111 -7.96 7.30 -0.41
CA ALA B 111 -7.21 7.68 0.79
C ALA B 111 -6.42 6.49 1.32
N VAL B 112 -5.12 6.70 1.50
CA VAL B 112 -4.25 5.65 2.00
C VAL B 112 -3.76 6.13 3.36
N VAL B 113 -4.08 5.37 4.41
CA VAL B 113 -3.67 5.74 5.76
C VAL B 113 -2.69 4.73 6.35
N MET B 114 -1.48 5.19 6.65
CA MET B 114 -0.45 4.37 7.25
C MET B 114 -0.51 4.56 8.78
N ILE B 115 -0.90 3.53 9.50
CA ILE B 115 -1.02 3.57 10.96
C ILE B 115 0.19 2.85 11.56
N SER B 116 1.06 3.62 12.21
CA SER B 116 2.25 3.05 12.81
C SER B 116 2.05 2.81 14.30
N CYS B 117 2.79 1.84 14.83
CA CYS B 117 2.72 1.49 16.25
C CYS B 117 3.23 2.58 17.20
N ASN B 118 2.45 2.83 18.25
CA ASN B 118 2.81 3.79 19.30
C ASN B 118 2.14 3.26 20.56
N ARG B 119 2.97 2.67 21.43
CA ARG B 119 2.54 2.08 22.69
C ARG B 119 1.88 3.06 23.64
N HIS B 120 2.08 4.35 23.39
CA HIS B 120 1.57 5.41 24.25
C HIS B 120 0.18 5.96 23.97
N THR B 121 -0.46 5.50 22.90
CA THR B 121 -1.77 6.04 22.59
C THR B 121 -2.61 5.09 21.77
N LEU B 122 -3.92 5.16 21.95
CA LEU B 122 -4.83 4.33 21.17
C LEU B 122 -4.86 4.90 19.76
N ALA B 123 -4.78 6.22 19.65
CA ALA B 123 -4.78 6.90 18.35
C ALA B 123 -4.46 8.38 18.52
N ASP B 124 -3.52 8.87 17.73
CA ASP B 124 -3.14 10.27 17.80
C ASP B 124 -2.23 10.60 16.63
N ASN B 125 -1.92 11.89 16.49
CA ASN B 125 -1.04 12.40 15.47
C ASN B 125 -1.45 12.09 14.02
N PHE B 126 -2.72 12.31 13.72
CA PHE B 126 -3.23 12.09 12.36
C PHE B 126 -2.61 13.22 11.53
N ASN B 127 -1.87 12.86 10.49
CA ASN B 127 -1.19 13.86 9.68
C ASN B 127 -1.26 13.63 8.18
N PRO B 128 -1.83 14.58 7.43
CA PRO B 128 -1.92 14.43 5.98
C PRO B 128 -0.48 14.55 5.49
N VAL B 129 -0.03 13.59 4.71
CA VAL B 129 1.34 13.61 4.21
C VAL B 129 1.48 14.18 2.82
N SER B 130 0.67 13.71 1.88
CA SER B 130 0.77 14.20 0.52
C SER B 130 -0.30 13.67 -0.41
N GLU B 131 -0.41 14.28 -1.59
CA GLU B 131 -1.35 13.85 -2.61
C GLU B 131 -0.55 13.61 -3.88
N GLU B 132 -0.83 12.47 -4.51
CA GLU B 132 -0.18 12.10 -5.74
C GLU B 132 -1.30 12.15 -6.77
N ARG B 133 -1.29 13.22 -7.58
CA ARG B 133 -2.28 13.43 -8.63
C ARG B 133 -1.54 13.69 -9.94
N GLY B 134 -0.30 13.22 -10.03
CA GLY B 134 0.52 13.43 -11.21
C GLY B 134 0.79 12.16 -12.00
N LYS B 135 -0.10 11.19 -11.88
CA LYS B 135 0.04 9.93 -12.61
C LYS B 135 -1.20 9.75 -13.47
N VAL B 136 -1.11 8.90 -14.49
CA VAL B 136 -2.25 8.66 -15.36
C VAL B 136 -3.32 7.82 -14.65
N GLN B 137 -2.90 7.12 -13.61
CA GLN B 137 -3.80 6.28 -12.82
C GLN B 137 -3.09 5.93 -11.51
N ASP B 138 -3.85 5.39 -10.57
CA ASP B 138 -3.32 5.00 -9.27
C ASP B 138 -2.81 6.14 -8.41
N CYS B 139 -3.55 7.24 -8.44
CA CYS B 139 -3.24 8.42 -7.65
C CYS B 139 -3.79 8.15 -6.27
N PHE B 140 -3.43 8.99 -5.30
CA PHE B 140 -3.90 8.80 -3.93
C PHE B 140 -3.50 9.93 -3.01
N TYR B 141 -4.17 10.00 -1.87
CA TYR B 141 -3.86 10.97 -0.83
C TYR B 141 -3.25 10.07 0.24
N LEU B 142 -2.17 10.50 0.86
CA LEU B 142 -1.49 9.69 1.87
C LEU B 142 -1.54 10.38 3.22
N PHE B 143 -1.88 9.61 4.25
CA PHE B 143 -1.98 10.12 5.61
C PHE B 143 -1.26 9.15 6.55
N GLU B 144 -0.94 9.62 7.74
CA GLU B 144 -0.28 8.80 8.75
C GLU B 144 -0.89 9.10 10.11
N MET B 145 -0.84 8.11 11.00
CA MET B 145 -1.33 8.29 12.36
C MET B 145 -0.72 7.22 13.26
N ASP B 146 -0.73 7.47 14.56
CA ASP B 146 -0.19 6.56 15.55
C ASP B 146 -1.31 5.79 16.22
N SER B 147 -1.00 4.58 16.67
CA SER B 147 -1.97 3.73 17.36
C SER B 147 -1.30 2.51 17.99
N SER B 148 -1.65 2.22 19.23
CA SER B 148 -1.08 1.06 19.92
C SER B 148 -1.62 -0.22 19.28
N LEU B 149 -2.76 -0.11 18.60
CA LEU B 149 -3.37 -1.26 17.92
C LEU B 149 -2.48 -1.79 16.80
N ALA B 150 -1.56 -0.95 16.32
CA ALA B 150 -0.64 -1.33 15.25
C ALA B 150 0.59 -2.03 15.80
N CYS B 151 0.69 -2.09 17.13
CA CYS B 151 1.83 -2.72 17.76
C CYS B 151 1.62 -4.22 17.89
N SER B 152 2.70 -4.95 17.65
CA SER B 152 2.71 -6.39 17.74
C SER B 152 3.91 -6.68 18.63
MN MN C . 0.07 -20.94 -9.80
C1 M6P D . 2.42 -22.16 -5.25
C2 M6P D . 2.91 -20.82 -4.64
C3 M6P D . 1.91 -20.29 -3.57
C4 M6P D . 0.53 -20.12 -4.17
C5 M6P D . 0.11 -21.54 -4.65
C6 M6P D . -1.03 -21.36 -5.96
O1 M6P D . 2.58 -23.25 -4.34
O2 M6P D . 3.04 -19.85 -5.66
O3 M6P D . 2.37 -19.05 -3.07
O4 M6P D . -0.35 -19.59 -3.20
O5 M6P D . 1.04 -22.02 -5.66
O6 M6P D . -2.32 -20.98 -6.37
P M6P D . -2.98 -21.73 -7.50
O1P M6P D . -2.96 -23.12 -7.15
O2P M6P D . -4.24 -21.07 -7.66
O3P M6P D . -2.10 -21.51 -8.81
MN MN E . -12.83 18.63 -8.62
C1 M6P F . -9.31 20.15 -5.08
C2 M6P F . -8.71 19.11 -4.11
C3 M6P F . -7.27 18.74 -4.53
C4 M6P F . -7.26 18.20 -5.95
C5 M6P F . -7.83 19.33 -6.86
C6 M6P F . -8.60 18.57 -8.26
O1 M6P F . -8.68 21.44 -4.94
O2 M6P F . -9.52 17.94 -4.10
O3 M6P F . -6.74 17.77 -3.65
O4 M6P F . -5.95 17.84 -6.32
O5 M6P F . -9.19 19.66 -6.43
O6 M6P F . -8.43 17.88 -9.47
P M6P F . -9.25 18.27 -10.66
O1P M6P F . -9.05 19.68 -10.85
O2P M6P F . -8.85 17.36 -11.69
O3P M6P F . -10.79 18.03 -10.31
#